data_8EYV
#
_entry.id   8EYV
#
_cell.length_a   29.790
_cell.length_b   50.788
_cell.length_c   97.088
_cell.angle_alpha   90.000
_cell.angle_beta   94.903
_cell.angle_gamma   90.000
#
_symmetry.space_group_name_H-M   'P 1 21 1'
#
loop_
_entity.id
_entity.type
_entity.pdbx_description
1 polymer 'RNA (45-MER)'
2 non-polymer 'POTASSIUM ION'
3 non-polymer (5Z)-5-[(3,5-difluoro-4-hydroxyphenyl)methylidene]-2-[(E)-(hydroxyimino)methyl]-3-methyl-3,5-dihydro-4H-imidazol-4-one
4 water water
#
_entity_poly.entity_id   1
_entity_poly.type   'polyribonucleotide'
_entity_poly.pdbx_seq_one_letter_code
;GCGCCGGUUAGGCAGAGGUGGGUGGUGUGGAGGAGUAUCUGUCCGGCGC
;
_entity_poly.pdbx_strand_id   A,B
#